data_6MRQ
#
_entry.id   6MRQ
#
_cell.length_a   46.817
_cell.length_b   59.020
_cell.length_c   79.085
_cell.angle_alpha   90.00
_cell.angle_beta   90.00
_cell.angle_gamma   90.00
#
_symmetry.space_group_name_H-M   'P 21 21 21'
#
loop_
_entity.id
_entity.type
_entity.pdbx_description
1 polymer 'Cationic trypsin'
2 polymer 'inhibitor from Tityus obscurus scorpion venom (TopI1)'
3 non-polymer 'CALCIUM ION'
4 non-polymer 'SULFATE ION'
5 water water
#
loop_
_entity_poly.entity_id
_entity_poly.type
_entity_poly.pdbx_seq_one_letter_code
_entity_poly.pdbx_strand_id
1 'polypeptide(L)'
;IVGGYTCGANTVPYQVSLNSGYHFCGGSLINSQWVVSAAHCYKSGIQVRLGEDNINVVEGNEQFISASKSIVHPSYNSNT
LNNDIMLIKLKSAASLNSRVASISLPTSCASAGTQCLISGWGNTKSSGTSYPDVLKCLKAPILSDSSCKSAYPGQITSNM
FCAGYLEGGKDSCQGDSGGPVVCSGKLQGIVSWGSGCAQKNKPGVYTKVCNYVSWIKQTIASNCNYVSWIKQTIASN
;
A
2 'polypeptide(L)' ILKRCKTYDDCKDVCKARKGKCEFGICKCMIK I
#
loop_
_chem_comp.id
_chem_comp.type
_chem_comp.name
_chem_comp.formula
CA non-polymer 'CALCIUM ION' 'Ca 2'
SO4 non-polymer 'SULFATE ION' 'O4 S -2'
#
# COMPACT_ATOMS: atom_id res chain seq x y z
N ILE A 1 3.49 8.07 -5.20
CA ILE A 1 3.74 9.04 -4.15
C ILE A 1 3.84 10.41 -4.79
N VAL A 2 2.99 11.34 -4.37
CA VAL A 2 3.01 12.71 -4.87
C VAL A 2 3.70 13.58 -3.84
N GLY A 3 4.63 14.42 -4.28
CA GLY A 3 5.26 15.36 -3.37
C GLY A 3 6.31 14.75 -2.48
N GLY A 4 6.80 13.57 -2.80
CA GLY A 4 7.80 12.90 -2.02
C GLY A 4 9.20 13.10 -2.57
N TYR A 5 10.08 12.16 -2.25
CA TYR A 5 11.47 12.22 -2.66
C TYR A 5 11.97 10.83 -2.97
N THR A 6 13.06 10.75 -3.71
CA THR A 6 13.68 9.46 -4.01
C THR A 6 14.25 8.87 -2.74
N CYS A 7 13.80 7.66 -2.37
CA CYS A 7 14.20 7.08 -1.11
C CYS A 7 15.71 6.84 -1.07
N GLY A 8 16.26 6.36 -2.17
CA GLY A 8 17.60 5.80 -2.18
C GLY A 8 17.52 4.30 -2.24
N ALA A 9 18.38 3.67 -3.04
CA ALA A 9 18.24 2.26 -3.34
C ALA A 9 18.27 1.42 -2.06
N ASN A 10 17.23 0.62 -1.88
CA ASN A 10 17.16 -0.38 -0.81
C ASN A 10 17.18 0.24 0.58
N THR A 11 16.87 1.54 0.69
CA THR A 11 16.76 2.18 1.99
C THR A 11 15.45 1.86 2.69
N VAL A 12 14.50 1.25 1.99
CA VAL A 12 13.25 0.79 2.58
C VAL A 12 13.20 -0.72 2.33
N PRO A 13 14.00 -1.51 3.04
CA PRO A 13 14.25 -2.90 2.61
C PRO A 13 13.07 -3.83 2.79
N TYR A 14 12.03 -3.42 3.52
CA TYR A 14 10.80 -4.17 3.68
C TYR A 14 9.78 -3.87 2.58
N GLN A 15 10.05 -2.89 1.71
CA GLN A 15 9.11 -2.55 0.65
C GLN A 15 9.20 -3.57 -0.48
N VAL A 16 8.06 -4.10 -0.89
CA VAL A 16 8.01 -4.98 -2.04
C VAL A 16 7.09 -4.39 -3.10
N SER A 17 7.28 -4.88 -4.33
CA SER A 17 6.40 -4.59 -5.45
C SER A 17 5.61 -5.85 -5.77
N LEU A 18 4.31 -5.69 -5.96
CA LEU A 18 3.47 -6.79 -6.43
C LEU A 18 3.29 -6.62 -7.94
N ASN A 19 3.55 -7.69 -8.66
CA ASN A 19 3.65 -7.67 -10.11
C ASN A 19 2.83 -8.81 -10.70
N SER A 20 1.92 -8.46 -11.61
CA SER A 20 1.16 -9.45 -12.36
C SER A 20 1.38 -9.16 -13.83
N GLY A 21 2.65 -9.02 -14.22
CA GLY A 21 3.04 -8.54 -15.52
C GLY A 21 3.46 -7.09 -15.52
N TYR A 22 3.00 -6.31 -14.55
CA TYR A 22 3.40 -4.93 -14.34
C TYR A 22 3.23 -4.67 -12.86
N HIS A 23 3.90 -3.64 -12.36
CA HIS A 23 3.73 -3.23 -10.98
C HIS A 23 2.34 -2.65 -10.76
N PHE A 24 1.60 -3.17 -9.78
CA PHE A 24 0.24 -2.68 -9.52
C PHE A 24 -0.03 -2.30 -8.09
N CYS A 25 0.77 -2.78 -7.13
CA CYS A 25 0.58 -2.52 -5.71
C CYS A 25 1.93 -2.71 -5.03
N GLY A 26 2.05 -2.14 -3.83
CA GLY A 26 3.15 -2.43 -2.94
C GLY A 26 2.75 -3.45 -1.87
N GLY A 27 3.69 -3.71 -0.99
CA GLY A 27 3.51 -4.57 0.16
C GLY A 27 4.69 -4.38 1.08
N SER A 28 4.58 -5.01 2.26
CA SER A 28 5.59 -4.91 3.30
C SER A 28 5.97 -6.30 3.78
N LEU A 29 7.27 -6.59 3.75
CA LEU A 29 7.77 -7.88 4.21
C LEU A 29 7.77 -7.89 5.73
N ILE A 30 7.07 -8.86 6.33
CA ILE A 30 7.01 -8.96 7.79
C ILE A 30 7.79 -10.15 8.35
N ASN A 31 8.14 -11.14 7.53
CA ASN A 31 9.11 -12.17 7.88
C ASN A 31 9.57 -12.78 6.56
N SER A 32 10.44 -13.79 6.63
CA SER A 32 11.02 -14.29 5.40
C SER A 32 9.98 -14.91 4.46
N GLN A 33 8.77 -15.20 4.94
CA GLN A 33 7.81 -15.91 4.11
C GLN A 33 6.50 -15.16 3.88
N TRP A 34 6.33 -13.96 4.45
CA TRP A 34 5.02 -13.34 4.46
C TRP A 34 5.10 -11.84 4.21
N VAL A 35 4.13 -11.36 3.43
CA VAL A 35 4.02 -9.97 3.03
C VAL A 35 2.63 -9.48 3.39
N VAL A 36 2.55 -8.28 3.96
CA VAL A 36 1.29 -7.59 4.22
C VAL A 36 1.00 -6.65 3.07
N SER A 37 -0.23 -6.68 2.56
CA SER A 37 -0.65 -5.75 1.51
C SER A 37 -2.12 -5.42 1.75
N ALA A 38 -2.76 -4.78 0.76
CA ALA A 38 -4.18 -4.45 0.83
C ALA A 38 -5.02 -5.56 0.21
N ALA A 39 -6.21 -5.79 0.78
CA ALA A 39 -7.12 -6.78 0.23
C ALA A 39 -7.48 -6.47 -1.22
N HIS A 40 -7.61 -5.19 -1.57
CA HIS A 40 -8.00 -4.87 -2.94
C HIS A 40 -6.87 -5.09 -3.94
N CYS A 41 -5.66 -5.38 -3.45
CA CYS A 41 -4.55 -5.81 -4.29
C CYS A 41 -4.58 -7.30 -4.62
N TYR A 42 -5.59 -8.03 -4.15
CA TYR A 42 -5.65 -9.45 -4.46
C TYR A 42 -5.76 -9.67 -5.96
N LYS A 43 -4.95 -10.58 -6.48
CA LYS A 43 -5.15 -11.18 -7.79
C LYS A 43 -4.60 -12.61 -7.69
N SER A 44 -5.03 -13.47 -8.60
CA SER A 44 -4.33 -14.74 -8.78
C SER A 44 -3.02 -14.49 -9.53
N GLY A 45 -2.01 -15.29 -9.21
CA GLY A 45 -0.75 -15.19 -9.92
C GLY A 45 0.03 -13.93 -9.62
N ILE A 46 0.10 -13.54 -8.35
CA ILE A 46 0.93 -12.42 -7.94
C ILE A 46 2.37 -12.88 -7.84
N GLN A 47 3.28 -12.10 -8.40
CA GLN A 47 4.71 -12.26 -8.19
C GLN A 47 5.18 -11.14 -7.27
N VAL A 48 5.79 -11.50 -6.16
CA VAL A 48 6.36 -10.51 -5.22
C VAL A 48 7.80 -10.22 -5.64
N ARG A 49 8.13 -8.94 -5.77
CA ARG A 49 9.47 -8.51 -6.14
C ARG A 49 10.08 -7.76 -4.97
N LEU A 50 11.07 -8.40 -4.35
CA LEU A 50 11.79 -7.87 -3.20
C LEU A 50 13.14 -7.35 -3.67
N GLY A 51 13.73 -6.47 -2.85
CA GLY A 51 15.03 -5.92 -3.16
C GLY A 51 15.06 -4.98 -4.32
N GLU A 52 13.91 -4.42 -4.69
CA GLU A 52 13.82 -3.53 -5.83
C GLU A 52 14.15 -2.09 -5.46
N ASP A 53 14.82 -1.41 -6.38
CA ASP A 53 14.80 0.05 -6.41
C ASP A 53 14.21 0.51 -7.74
N ASN A 54 15.01 0.46 -8.82
CA ASN A 54 14.48 0.72 -10.16
C ASN A 54 13.67 -0.50 -10.58
N ILE A 55 12.34 -0.34 -10.68
CA ILE A 55 11.51 -1.50 -11.00
C ILE A 55 11.56 -1.86 -12.47
N ASN A 56 12.23 -1.07 -13.30
CA ASN A 56 12.32 -1.33 -14.73
C ASN A 56 13.68 -1.86 -15.15
N VAL A 57 14.62 -1.96 -14.24
CA VAL A 57 16.00 -2.33 -14.54
C VAL A 57 16.45 -3.37 -13.52
N VAL A 58 17.15 -4.39 -13.99
CA VAL A 58 17.69 -5.42 -13.10
C VAL A 58 19.00 -4.90 -12.54
N GLU A 59 19.03 -4.64 -11.23
CA GLU A 59 20.16 -4.01 -10.58
C GLU A 59 21.00 -4.97 -9.74
N GLY A 60 20.51 -6.17 -9.46
CA GLY A 60 21.33 -7.21 -8.87
C GLY A 60 20.92 -7.63 -7.49
N ASN A 61 19.88 -7.04 -6.90
CA ASN A 61 19.45 -7.40 -5.56
C ASN A 61 18.02 -7.94 -5.55
N GLU A 62 17.43 -8.19 -6.72
CA GLU A 62 16.05 -8.59 -6.79
C GLU A 62 15.87 -10.04 -6.38
N GLN A 63 14.76 -10.32 -5.70
CA GLN A 63 14.23 -11.66 -5.53
C GLN A 63 12.80 -11.63 -6.03
N PHE A 64 12.48 -12.49 -6.99
CA PHE A 64 11.14 -12.58 -7.56
C PHE A 64 10.56 -13.90 -7.06
N ILE A 65 9.55 -13.82 -6.19
CA ILE A 65 8.98 -15.01 -5.57
C ILE A 65 7.48 -14.94 -5.75
N SER A 66 6.91 -15.94 -6.41
CA SER A 66 5.47 -15.97 -6.59
C SER A 66 4.77 -16.21 -5.25
N ALA A 67 3.57 -15.67 -5.15
CA ALA A 67 2.72 -15.97 -4.00
C ALA A 67 2.22 -17.40 -4.11
N SER A 68 2.37 -18.15 -3.03
CA SER A 68 1.73 -19.46 -2.96
C SER A 68 0.30 -19.36 -2.44
N LYS A 69 0.03 -18.37 -1.58
CA LYS A 69 -1.29 -18.12 -1.05
C LYS A 69 -1.45 -16.61 -0.89
N SER A 70 -2.64 -16.10 -1.16
CA SER A 70 -2.99 -14.70 -0.93
C SER A 70 -4.25 -14.67 -0.07
N ILE A 71 -4.06 -14.50 1.24
CA ILE A 71 -5.15 -14.62 2.21
C ILE A 71 -5.71 -13.23 2.46
N VAL A 72 -6.83 -12.95 1.87
CA VAL A 72 -7.54 -11.70 2.14
C VAL A 72 -8.26 -11.83 3.47
N HIS A 73 -8.35 -10.73 4.20
CA HIS A 73 -9.13 -10.76 5.42
C HIS A 73 -10.54 -11.25 5.08
N PRO A 74 -11.05 -12.28 5.76
CA PRO A 74 -12.36 -12.82 5.36
C PRO A 74 -13.46 -11.79 5.35
N SER A 75 -13.36 -10.76 6.19
CA SER A 75 -14.38 -9.73 6.29
C SER A 75 -14.08 -8.49 5.46
N TYR A 76 -13.13 -8.57 4.52
CA TYR A 76 -12.92 -7.45 3.62
C TYR A 76 -14.21 -7.13 2.86
N ASN A 77 -14.54 -5.85 2.79
CA ASN A 77 -15.73 -5.36 2.09
C ASN A 77 -15.25 -4.43 0.99
N SER A 78 -15.36 -4.86 -0.27
CA SER A 78 -14.86 -4.07 -1.39
C SER A 78 -15.70 -2.83 -1.68
N ASN A 79 -16.84 -2.67 -1.03
CA ASN A 79 -17.65 -1.47 -1.19
C ASN A 79 -17.26 -0.39 -0.18
N THR A 80 -17.12 -0.77 1.08
CA THR A 80 -16.75 0.19 2.12
C THR A 80 -15.24 0.28 2.30
N LEU A 81 -14.49 -0.72 1.82
CA LEU A 81 -13.04 -0.85 1.99
C LEU A 81 -12.67 -1.18 3.43
N ASN A 82 -13.63 -1.56 4.25
CA ASN A 82 -13.30 -1.99 5.60
C ASN A 82 -12.53 -3.31 5.56
N ASN A 83 -11.57 -3.45 6.47
CA ASN A 83 -10.72 -4.64 6.57
C ASN A 83 -9.89 -4.85 5.31
N ASP A 84 -9.30 -3.76 4.82
CA ASP A 84 -8.52 -3.78 3.57
C ASP A 84 -7.08 -4.22 3.86
N ILE A 85 -6.96 -5.53 4.12
CA ILE A 85 -5.68 -6.13 4.47
C ILE A 85 -5.63 -7.54 3.90
N MET A 86 -4.45 -7.93 3.44
CA MET A 86 -4.18 -9.21 2.83
C MET A 86 -2.79 -9.67 3.26
N LEU A 87 -2.65 -10.97 3.46
CA LEU A 87 -1.36 -11.59 3.71
C LEU A 87 -1.02 -12.47 2.53
N ILE A 88 0.20 -12.32 2.02
CA ILE A 88 0.71 -13.12 0.92
C ILE A 88 1.78 -14.03 1.48
N LYS A 89 1.61 -15.33 1.32
CA LYS A 89 2.69 -16.27 1.64
C LYS A 89 3.53 -16.50 0.40
N LEU A 90 4.84 -16.38 0.54
CA LEU A 90 5.75 -16.63 -0.57
C LEU A 90 5.89 -18.13 -0.82
N LYS A 91 6.00 -18.50 -2.09
CA LYS A 91 6.17 -19.89 -2.47
C LYS A 91 7.43 -20.49 -1.86
N SER A 92 8.42 -19.64 -1.58
CA SER A 92 9.65 -20.03 -0.92
C SER A 92 10.12 -18.83 -0.12
N ALA A 93 10.94 -19.09 0.90
CA ALA A 93 11.37 -18.02 1.80
C ALA A 93 12.38 -17.11 1.12
N ALA A 94 12.26 -15.81 1.36
CA ALA A 94 13.22 -14.85 0.87
C ALA A 94 14.48 -14.88 1.72
N SER A 95 15.60 -14.51 1.12
CA SER A 95 16.87 -14.38 1.84
CA SER A 95 16.86 -14.39 1.83
C SER A 95 16.97 -12.97 2.40
N LEU A 96 17.04 -12.87 3.72
CA LEU A 96 17.09 -11.58 4.38
C LEU A 96 18.51 -11.07 4.48
N ASN A 97 18.68 -9.77 4.27
CA ASN A 97 20.00 -9.13 4.28
C ASN A 97 19.77 -7.63 4.47
N SER A 98 20.78 -6.82 4.18
CA SER A 98 20.66 -5.38 4.40
C SER A 98 19.62 -4.74 3.49
N ARG A 99 19.39 -5.31 2.30
CA ARG A 99 18.51 -4.72 1.31
C ARG A 99 17.15 -5.39 1.23
N VAL A 100 16.97 -6.54 1.88
CA VAL A 100 15.70 -7.24 1.96
C VAL A 100 15.52 -7.61 3.42
N ALA A 101 14.62 -6.93 4.10
CA ALA A 101 14.50 -7.09 5.55
C ALA A 101 13.05 -6.89 5.95
N SER A 102 12.68 -7.50 7.06
CA SER A 102 11.32 -7.44 7.56
CA SER A 102 11.32 -7.41 7.54
C SER A 102 11.10 -6.16 8.37
N ILE A 103 9.84 -5.75 8.47
CA ILE A 103 9.42 -4.63 9.29
C ILE A 103 8.58 -5.16 10.45
N SER A 104 8.82 -4.59 11.64
CA SER A 104 8.12 -5.05 12.83
C SER A 104 6.65 -4.65 12.81
N LEU A 105 5.81 -5.54 13.32
CA LEU A 105 4.41 -5.23 13.54
C LEU A 105 4.24 -4.42 14.82
N PRO A 106 3.20 -3.62 14.89
CA PRO A 106 2.99 -2.81 16.10
C PRO A 106 2.55 -3.68 17.26
N THR A 107 2.91 -3.24 18.47
CA THR A 107 2.35 -3.78 19.70
C THR A 107 1.24 -2.91 20.25
N SER A 108 1.16 -1.66 19.79
CA SER A 108 0.07 -0.77 20.14
CA SER A 108 0.08 -0.77 20.13
C SER A 108 -0.18 0.14 18.94
N CYS A 109 -1.38 0.69 18.89
CA CYS A 109 -1.75 1.61 17.82
C CYS A 109 -0.94 2.90 17.93
N ALA A 110 -0.78 3.57 16.80
CA ALA A 110 -0.13 4.86 16.77
C ALA A 110 -1.15 5.95 17.08
N SER A 111 -0.64 7.14 17.41
CA SER A 111 -1.48 8.27 17.78
C SER A 111 -1.42 9.35 16.70
N ALA A 112 -2.51 10.13 16.61
CA ALA A 112 -2.50 11.28 15.71
C ALA A 112 -1.33 12.17 16.03
N GLY A 113 -0.69 12.70 14.99
CA GLY A 113 0.45 13.56 15.11
C GLY A 113 1.79 12.88 14.88
N THR A 114 1.82 11.55 14.97
CA THR A 114 3.07 10.82 14.78
C THR A 114 3.46 10.86 13.32
N GLN A 115 4.74 11.11 13.06
CA GLN A 115 5.25 11.13 11.70
C GLN A 115 5.57 9.72 11.23
N CYS A 116 5.23 9.45 9.98
CA CYS A 116 5.42 8.13 9.39
C CYS A 116 6.07 8.26 8.03
N LEU A 117 6.64 7.14 7.57
CA LEU A 117 7.25 7.03 6.25
C LEU A 117 6.36 6.18 5.37
N ILE A 118 5.90 6.76 4.27
CA ILE A 118 5.07 6.09 3.27
C ILE A 118 5.89 6.01 1.99
N SER A 119 5.80 4.88 1.30
CA SER A 119 6.68 4.66 0.16
C SER A 119 5.97 3.85 -0.91
N GLY A 120 6.44 4.00 -2.15
CA GLY A 120 5.90 3.21 -3.23
C GLY A 120 6.34 3.71 -4.59
N TRP A 121 5.94 2.93 -5.60
CA TRP A 121 6.19 3.24 -7.00
C TRP A 121 4.93 3.76 -7.70
N GLY A 122 3.98 4.30 -6.95
CA GLY A 122 2.78 4.81 -7.55
C GLY A 122 2.98 6.14 -8.24
N ASN A 123 1.89 6.58 -8.86
CA ASN A 123 1.83 7.87 -9.56
C ASN A 123 2.39 8.99 -8.69
N THR A 124 3.18 9.87 -9.33
CA THR A 124 3.74 11.01 -8.64
C THR A 124 3.04 12.33 -8.99
N LYS A 125 1.95 12.29 -9.75
CA LYS A 125 1.26 13.51 -10.17
C LYS A 125 -0.10 13.60 -9.50
N SER A 126 -0.44 14.80 -9.00
CA SER A 126 -1.78 15.08 -8.53
C SER A 126 -2.75 15.30 -9.68
N SER A 127 -2.25 15.66 -10.85
CA SER A 127 -3.04 15.77 -12.07
C SER A 127 -2.28 15.01 -13.15
N GLY A 128 -2.91 13.98 -13.71
CA GLY A 128 -2.25 13.14 -14.69
C GLY A 128 -1.65 11.92 -14.05
N THR A 129 -0.87 11.19 -14.85
CA THR A 129 -0.29 9.93 -14.38
C THR A 129 1.17 9.84 -14.81
N SER A 130 2.05 9.64 -13.84
CA SER A 130 3.44 9.33 -14.08
CA SER A 130 3.44 9.32 -14.08
C SER A 130 3.74 7.95 -13.49
N TYR A 131 4.86 7.36 -13.91
CA TYR A 131 5.28 6.06 -13.41
C TYR A 131 6.77 6.19 -13.09
N PRO A 132 7.13 6.41 -11.82
CA PRO A 132 8.55 6.50 -11.48
C PRO A 132 9.26 5.16 -11.62
N ASP A 133 10.55 5.23 -11.98
CA ASP A 133 11.38 4.03 -12.04
C ASP A 133 11.85 3.62 -10.64
N VAL A 134 12.28 4.57 -9.82
CA VAL A 134 12.85 4.26 -8.51
C VAL A 134 11.85 4.55 -7.41
N LEU A 135 12.10 3.97 -6.24
CA LEU A 135 11.15 4.03 -5.15
C LEU A 135 11.09 5.44 -4.57
N LYS A 136 9.87 5.91 -4.31
CA LYS A 136 9.64 7.23 -3.76
C LYS A 136 9.14 7.13 -2.32
N CYS A 137 9.44 8.18 -1.54
CA CYS A 137 9.22 8.20 -0.10
C CYS A 137 8.53 9.50 0.27
N LEU A 138 7.76 9.45 1.36
CA LEU A 138 7.05 10.61 1.85
C LEU A 138 6.95 10.53 3.36
N LYS A 139 7.34 11.59 4.05
CA LYS A 139 7.10 11.72 5.47
C LYS A 139 5.76 12.42 5.68
N ALA A 140 4.90 11.81 6.50
CA ALA A 140 3.56 12.35 6.68
C ALA A 140 3.02 12.00 8.05
N PRO A 141 2.30 12.92 8.69
CA PRO A 141 1.73 12.62 10.02
C PRO A 141 0.36 11.99 9.94
N ILE A 142 0.07 11.18 10.96
CA ILE A 142 -1.28 10.67 11.17
C ILE A 142 -2.18 11.83 11.57
N LEU A 143 -3.35 11.90 10.96
CA LEU A 143 -4.29 12.99 11.18
C LEU A 143 -5.36 12.56 12.18
N SER A 144 -5.97 13.56 12.83
CA SER A 144 -7.05 13.29 13.77
C SER A 144 -8.20 12.57 13.07
N ASP A 145 -8.85 11.67 13.80
CA ASP A 145 -10.05 11.04 13.26
C ASP A 145 -11.12 12.06 12.93
N SER A 146 -11.19 13.16 13.71
CA SER A 146 -12.20 14.18 13.45
C SER A 146 -11.99 14.81 12.08
N SER A 147 -10.75 15.21 11.78
CA SER A 147 -10.49 15.77 10.46
C SER A 147 -10.66 14.72 9.37
N CYS A 148 -10.30 13.46 9.68
CA CYS A 148 -10.48 12.38 8.71
C CYS A 148 -11.95 12.19 8.37
N LYS A 149 -12.81 12.14 9.40
CA LYS A 149 -14.24 11.97 9.16
C LYS A 149 -14.86 13.21 8.52
N SER A 150 -14.34 14.41 8.81
CA SER A 150 -14.81 15.61 8.12
C SER A 150 -14.43 15.59 6.64
N ALA A 151 -13.25 15.06 6.33
CA ALA A 151 -12.83 14.97 4.94
C ALA A 151 -13.62 13.91 4.19
N TYR A 152 -13.97 12.82 4.87
CA TYR A 152 -14.63 11.67 4.25
C TYR A 152 -15.87 11.30 5.05
N PRO A 153 -16.87 12.18 5.06
CA PRO A 153 -18.08 11.89 5.86
C PRO A 153 -18.69 10.55 5.46
N GLY A 154 -19.02 9.75 6.47
CA GLY A 154 -19.68 8.48 6.28
C GLY A 154 -18.83 7.34 5.79
N GLN A 155 -17.52 7.53 5.63
CA GLN A 155 -16.69 6.52 5.00
C GLN A 155 -15.58 5.96 5.89
N ILE A 156 -15.29 6.56 7.02
CA ILE A 156 -14.12 6.19 7.82
C ILE A 156 -14.58 5.21 8.89
N THR A 157 -14.01 4.01 8.87
CA THR A 157 -14.30 3.02 9.89
C THR A 157 -13.18 3.02 10.94
N SER A 158 -13.40 2.24 12.00
CA SER A 158 -12.40 2.08 13.04
C SER A 158 -11.12 1.43 12.54
N ASN A 159 -11.15 0.84 11.34
CA ASN A 159 -10.01 0.16 10.77
C ASN A 159 -9.28 1.01 9.75
N MET A 160 -9.49 2.32 9.78
CA MET A 160 -8.87 3.25 8.87
C MET A 160 -8.34 4.44 9.64
N PHE A 161 -7.28 5.05 9.11
CA PHE A 161 -6.85 6.36 9.56
C PHE A 161 -6.39 7.17 8.35
N CYS A 162 -6.50 8.49 8.50
CA CYS A 162 -5.96 9.41 7.50
C CYS A 162 -4.54 9.80 7.88
N ALA A 163 -3.72 10.02 6.88
CA ALA A 163 -2.39 10.56 7.10
C ALA A 163 -2.05 11.42 5.90
N GLY A 164 -1.24 12.45 6.14
CA GLY A 164 -0.87 13.36 5.07
C GLY A 164 -1.08 14.80 5.47
N TYR A 165 -1.57 15.61 4.53
CA TYR A 165 -1.57 17.05 4.68
C TYR A 165 -2.87 17.58 4.09
N LEU A 166 -3.68 18.24 4.91
CA LEU A 166 -4.93 18.78 4.41
C LEU A 166 -4.71 19.86 3.36
N GLU A 167 -3.55 20.52 3.37
CA GLU A 167 -3.26 21.55 2.39
C GLU A 167 -3.08 20.97 0.99
N GLY A 168 -2.86 19.68 0.87
CA GLY A 168 -2.64 19.04 -0.41
C GLY A 168 -1.18 19.03 -0.81
N GLY A 169 -0.91 18.38 -1.95
CA GLY A 169 0.40 18.37 -2.54
C GLY A 169 1.27 17.18 -2.18
N LYS A 170 0.97 16.48 -1.09
CA LYS A 170 1.78 15.36 -0.62
C LYS A 170 0.86 14.21 -0.22
N ASP A 171 0.96 13.07 -0.90
CA ASP A 171 0.04 11.96 -0.67
C ASP A 171 0.58 10.69 -1.33
N SER A 172 -0.03 9.55 -0.98
CA SER A 172 0.10 8.33 -1.77
C SER A 172 -0.92 8.37 -2.91
N CYS A 173 -0.71 7.53 -3.93
CA CYS A 173 -1.51 7.61 -5.15
C CYS A 173 -1.60 6.24 -5.80
N GLN A 174 -2.31 6.18 -6.93
CA GLN A 174 -2.50 4.89 -7.62
C GLN A 174 -1.16 4.24 -7.94
N GLY A 175 -1.05 2.96 -7.58
CA GLY A 175 0.20 2.24 -7.63
C GLY A 175 0.89 2.09 -6.29
N ASP A 176 0.48 2.85 -5.29
CA ASP A 176 1.05 2.76 -3.96
C ASP A 176 0.28 1.82 -3.04
N SER A 177 -0.96 1.47 -3.41
CA SER A 177 -1.80 0.62 -2.57
C SER A 177 -1.04 -0.58 -2.06
N GLY A 178 -1.34 -0.96 -0.82
CA GLY A 178 -0.73 -2.13 -0.20
C GLY A 178 0.60 -1.88 0.45
N GLY A 179 1.24 -0.75 0.15
CA GLY A 179 2.53 -0.46 0.68
C GLY A 179 2.50 0.06 2.10
N PRO A 180 3.69 0.28 2.63
CA PRO A 180 3.84 0.56 4.06
C PRO A 180 3.61 2.01 4.45
N VAL A 181 3.07 2.13 5.66
CA VAL A 181 3.12 3.34 6.47
C VAL A 181 3.82 2.91 7.76
N VAL A 182 5.06 3.35 7.94
CA VAL A 182 5.89 2.92 9.05
C VAL A 182 6.10 4.11 9.98
N CYS A 183 5.80 3.91 11.26
CA CYS A 183 5.86 4.97 12.25
C CYS A 183 6.64 4.43 13.43
N SER A 184 7.71 5.12 13.79
CA SER A 184 8.58 4.71 14.89
CA SER A 184 8.58 4.71 14.90
C SER A 184 8.93 3.23 14.79
N GLY A 185 9.32 2.82 13.59
CA GLY A 185 9.81 1.49 13.34
C GLY A 185 8.77 0.39 13.28
N LYS A 186 7.48 0.74 13.26
CA LYS A 186 6.41 -0.25 13.22
C LYS A 186 5.53 -0.03 12.01
N LEU A 187 5.07 -1.13 11.41
CA LEU A 187 4.13 -1.05 10.29
C LEU A 187 2.75 -0.74 10.86
N GLN A 188 2.35 0.54 10.84
CA GLN A 188 1.05 0.93 11.37
C GLN A 188 -0.03 1.08 10.30
N GLY A 189 0.33 1.24 9.04
CA GLY A 189 -0.67 1.45 8.02
C GLY A 189 -0.34 0.73 6.73
N ILE A 190 -1.39 0.53 5.94
CA ILE A 190 -1.32 0.02 4.58
C ILE A 190 -1.97 1.05 3.67
N VAL A 191 -1.28 1.44 2.59
CA VAL A 191 -1.89 2.36 1.62
C VAL A 191 -3.20 1.73 1.12
N SER A 192 -4.31 2.47 1.22
CA SER A 192 -5.62 1.92 0.87
C SER A 192 -6.36 2.77 -0.16
N TRP A 193 -6.82 3.97 0.18
CA TRP A 193 -7.69 4.71 -0.72
C TRP A 193 -7.66 6.19 -0.40
N GLY A 194 -8.27 6.96 -1.30
CA GLY A 194 -8.50 8.37 -1.10
C GLY A 194 -9.32 8.90 -2.25
N SER A 195 -9.77 10.15 -2.11
CA SER A 195 -10.44 10.82 -3.20
C SER A 195 -9.36 11.51 -4.04
N GLY A 196 -9.00 10.89 -5.15
CA GLY A 196 -7.86 11.38 -5.91
C GLY A 196 -6.59 11.28 -5.09
N CYS A 197 -5.64 12.14 -5.41
CA CYS A 197 -4.32 12.12 -4.77
C CYS A 197 -3.85 13.55 -4.51
N ALA A 198 -3.43 13.83 -3.28
CA ALA A 198 -2.81 15.11 -2.94
C ALA A 198 -3.75 16.29 -3.14
N GLN A 199 -5.05 16.04 -3.15
CA GLN A 199 -6.03 17.11 -3.26
C GLN A 199 -6.24 17.75 -1.89
N LYS A 200 -6.56 19.05 -1.90
CA LYS A 200 -6.82 19.76 -0.66
C LYS A 200 -7.97 19.10 0.08
N ASN A 201 -7.77 18.88 1.38
CA ASN A 201 -8.79 18.33 2.27
C ASN A 201 -9.25 16.92 1.90
N LYS A 202 -8.41 16.18 1.18
CA LYS A 202 -8.69 14.79 0.84
C LYS A 202 -7.40 14.01 1.08
N PRO A 203 -7.01 13.83 2.33
CA PRO A 203 -5.79 13.09 2.64
C PRO A 203 -5.97 11.61 2.35
N GLY A 204 -4.83 10.92 2.28
CA GLY A 204 -4.88 9.48 2.06
C GLY A 204 -5.47 8.76 3.26
N VAL A 205 -6.17 7.66 2.96
CA VAL A 205 -6.74 6.78 3.98
C VAL A 205 -5.96 5.46 3.97
N TYR A 206 -5.71 4.94 5.17
CA TYR A 206 -4.82 3.81 5.37
C TYR A 206 -5.45 2.78 6.29
N THR A 207 -5.21 1.52 5.99
CA THR A 207 -5.67 0.45 6.86
C THR A 207 -4.90 0.48 8.17
N LYS A 208 -5.61 0.35 9.29
CA LYS A 208 -5.03 0.48 10.63
C LYS A 208 -4.52 -0.88 11.08
N VAL A 209 -3.24 -1.14 10.83
CA VAL A 209 -2.65 -2.46 11.04
C VAL A 209 -2.76 -2.93 12.49
N CYS A 210 -2.71 -2.01 13.45
CA CYS A 210 -2.71 -2.43 14.84
C CYS A 210 -3.97 -3.20 15.22
N ASN A 211 -5.06 -3.06 14.47
CA ASN A 211 -6.27 -3.80 14.76
C ASN A 211 -6.22 -5.24 14.25
N TYR A 212 -5.16 -5.61 13.53
CA TYR A 212 -5.09 -6.90 12.87
C TYR A 212 -3.91 -7.74 13.32
N VAL A 213 -3.19 -7.32 14.35
CA VAL A 213 -1.99 -8.06 14.77
C VAL A 213 -2.34 -9.50 15.14
N SER A 214 -3.44 -9.71 15.85
CA SER A 214 -3.83 -11.07 16.20
C SER A 214 -4.20 -11.88 14.96
N TRP A 215 -4.98 -11.28 14.06
CA TRP A 215 -5.34 -11.98 12.83
C TRP A 215 -4.10 -12.34 12.02
N ILE A 216 -3.12 -11.43 11.95
CA ILE A 216 -1.90 -11.74 11.21
C ILE A 216 -1.21 -12.94 11.82
N LYS A 217 -1.07 -12.95 13.15
CA LYS A 217 -0.38 -14.05 13.80
C LYS A 217 -1.11 -15.37 13.57
N GLN A 218 -2.44 -15.37 13.65
CA GLN A 218 -3.17 -16.62 13.47
C GLN A 218 -3.14 -17.08 12.01
N THR A 219 -3.11 -16.14 11.07
CA THR A 219 -3.06 -16.52 9.66
C THR A 219 -1.70 -17.14 9.31
N ILE A 220 -0.61 -16.55 9.80
CA ILE A 220 0.69 -17.17 9.61
C ILE A 220 0.68 -18.60 10.15
N ALA A 221 0.05 -18.79 11.30
CA ALA A 221 0.04 -20.11 11.93
C ALA A 221 -0.81 -21.09 11.14
N SER A 222 -1.93 -20.62 10.59
CA SER A 222 -2.83 -21.48 9.84
C SER A 222 -2.27 -21.88 8.48
N ASN A 223 -1.20 -21.24 8.02
CA ASN A 223 -0.70 -21.46 6.68
C ASN A 223 0.83 -21.49 6.66
N ILE B 1 -4.65 1.22 -6.24
CA ILE B 1 -4.12 0.23 -7.18
C ILE B 1 -3.80 0.92 -8.49
N LEU B 2 -2.86 0.37 -9.24
CA LEU B 2 -2.63 0.78 -10.60
C LEU B 2 -3.21 -0.28 -11.53
N LYS B 3 -4.23 0.10 -12.29
CA LYS B 3 -4.79 -0.73 -13.34
C LYS B 3 -5.04 0.16 -14.54
N ARG B 4 -4.39 -0.13 -15.66
CA ARG B 4 -4.62 0.64 -16.87
C ARG B 4 -5.95 0.25 -17.50
N CYS B 5 -6.52 1.18 -18.27
CA CYS B 5 -7.84 0.97 -18.84
C CYS B 5 -8.00 1.89 -20.03
N LYS B 6 -8.92 1.51 -20.91
CA LYS B 6 -9.43 2.41 -21.94
C LYS B 6 -10.84 2.88 -21.65
N THR B 7 -11.65 2.01 -21.04
CA THR B 7 -13.00 2.35 -20.59
C THR B 7 -13.17 1.80 -19.18
N TYR B 8 -14.19 2.28 -18.49
CA TYR B 8 -14.36 1.84 -17.10
C TYR B 8 -14.72 0.36 -17.01
N ASP B 9 -15.30 -0.22 -18.05
CA ASP B 9 -15.53 -1.66 -18.04
C ASP B 9 -14.24 -2.44 -17.85
N ASP B 10 -13.11 -1.89 -18.30
CA ASP B 10 -11.81 -2.53 -18.06
C ASP B 10 -11.43 -2.56 -16.59
N CYS B 11 -12.12 -1.79 -15.75
CA CYS B 11 -11.80 -1.69 -14.33
C CYS B 11 -12.63 -2.62 -13.46
N LYS B 12 -13.52 -3.40 -14.06
CA LYS B 12 -14.42 -4.23 -13.27
C LYS B 12 -13.67 -5.19 -12.35
N ASP B 13 -12.52 -5.69 -12.80
CA ASP B 13 -11.77 -6.67 -12.02
C ASP B 13 -11.25 -6.07 -10.72
N VAL B 14 -10.80 -4.82 -10.74
CA VAL B 14 -10.16 -4.25 -9.57
C VAL B 14 -11.14 -3.38 -8.80
N CYS B 15 -12.11 -2.79 -9.49
CA CYS B 15 -13.07 -1.88 -8.87
C CYS B 15 -14.37 -2.55 -8.48
N LYS B 16 -14.63 -3.76 -8.95
CA LYS B 16 -15.81 -4.53 -8.56
C LYS B 16 -17.03 -3.68 -8.85
N ALA B 17 -17.94 -3.48 -7.90
CA ALA B 17 -19.16 -2.72 -8.12
C ALA B 17 -19.00 -1.25 -7.78
N ARG B 18 -17.79 -0.81 -7.46
CA ARG B 18 -17.55 0.57 -7.08
C ARG B 18 -17.74 1.49 -8.28
N LYS B 19 -18.30 2.67 -8.04
CA LYS B 19 -18.40 3.68 -9.08
C LYS B 19 -17.04 4.32 -9.31
N GLY B 20 -16.81 4.79 -10.53
CA GLY B 20 -15.54 5.38 -10.86
C GLY B 20 -15.46 5.72 -12.33
N LYS B 21 -14.22 5.90 -12.79
CA LYS B 21 -13.99 6.27 -14.17
C LYS B 21 -12.63 5.77 -14.59
N CYS B 22 -12.45 5.64 -15.91
CA CYS B 22 -11.15 5.41 -16.52
C CYS B 22 -10.64 6.75 -17.00
N GLU B 23 -9.55 7.23 -16.41
CA GLU B 23 -9.07 8.58 -16.67
C GLU B 23 -7.56 8.58 -16.60
N PHE B 24 -6.93 9.38 -17.48
CA PHE B 24 -5.47 9.45 -17.57
C PHE B 24 -4.88 8.05 -17.73
N GLY B 25 -5.63 7.17 -18.39
CA GLY B 25 -5.17 5.83 -18.70
C GLY B 25 -5.35 4.81 -17.61
N ILE B 26 -5.92 5.17 -16.46
CA ILE B 26 -5.95 4.27 -15.32
C ILE B 26 -7.31 4.26 -14.65
N CYS B 27 -7.54 3.23 -13.86
CA CYS B 27 -8.80 3.07 -13.16
C CYS B 27 -8.84 3.96 -11.93
N LYS B 28 -9.92 4.71 -11.77
CA LYS B 28 -10.11 5.63 -10.65
C LYS B 28 -11.40 5.29 -9.93
N CYS B 29 -11.29 4.48 -8.88
CA CYS B 29 -12.40 4.20 -7.98
C CYS B 29 -11.91 4.28 -6.54
N MET B 30 -11.10 5.30 -6.24
CA MET B 30 -10.56 5.62 -4.93
C MET B 30 -9.44 4.72 -4.42
N ILE B 31 -9.54 3.40 -4.62
CA ILE B 31 -8.46 2.52 -4.23
C ILE B 31 -7.19 2.89 -4.99
N LYS B 32 -6.05 2.79 -4.31
CA LYS B 32 -4.76 3.23 -4.89
C LYS B 32 -3.97 2.09 -5.54
CA CA C . 15.06 -3.70 -10.38
S SO4 D . -18.41 -3.61 6.84
O1 SO4 D . -18.86 -4.59 5.84
O2 SO4 D . -17.33 -4.19 7.62
O3 SO4 D . -19.53 -3.33 7.75
O4 SO4 D . -18.00 -2.36 6.22
S SO4 E . -9.73 15.16 17.70
O1 SO4 E . -9.83 13.97 16.85
O2 SO4 E . -10.19 16.32 16.94
O3 SO4 E . -10.57 14.97 18.87
O4 SO4 E . -8.35 15.35 18.11
S SO4 F . -7.70 -11.66 19.81
O1 SO4 F . -7.75 -12.70 18.78
O2 SO4 F . -8.11 -10.39 19.23
O3 SO4 F . -8.63 -12.03 20.88
O4 SO4 F . -6.37 -11.56 20.38
#